data_2FAR
#
_entry.id   2FAR
#
_cell.length_a   71.736
_cell.length_b   203.787
_cell.length_c   44.143
_cell.angle_alpha   90.00
_cell.angle_beta   90.00
_cell.angle_gamma   90.00
#
_symmetry.space_group_name_H-M   'P 21 21 2'
#
loop_
_entity.id
_entity.type
_entity.pdbx_description
1 polymer 'probable ATP-dependent DNA ligase'
2 non-polymer 'MANGANESE (II) ION'
3 non-polymer 'SULFATE ION'
4 non-polymer "2'-DEOXYADENOSINE 5'-TRIPHOSPHATE"
5 water water
#
_entity_poly.entity_id   1
_entity_poly.type   'polypeptide(L)'
_entity_poly.pdbx_seq_one_letter_code
;MGARKASAGASRAATAGVRISHPQRLIDPSIQASKLELAEFHARYADLLLRDLRERPVSLVRGPDGIGGELFFQKHAARL
KIPGIVQLDPALDPGHPPLLQIRSAEALVGAVQMGSIEFHTWNASLANLERPDRFVLDLDPDPALPWKRMLEATQLSLTL
LDELGLRAFLKTSGGKGMHLLVPLERRHGWDEVKDFAQAISQHLARLMPERFSAVSGPRNRVGKIFVDYLRNSRGASTVA
AYSVRAREGLPVSVPVFREELDSLQGANQWNLRSLPQRLDELAGDDPWADYAGTRQRISAAMRRQLGRG
;
_entity_poly.pdbx_strand_id   A,B
#
# COMPACT_ATOMS: atom_id res chain seq x y z
N ARG A 12 29.52 -16.63 9.15
CA ARG A 12 28.72 -15.57 8.47
C ARG A 12 29.59 -14.84 7.47
N ALA A 13 30.63 -15.50 6.98
CA ALA A 13 31.53 -14.88 6.02
C ALA A 13 30.86 -14.56 4.70
N ALA A 14 29.76 -15.25 4.42
CA ALA A 14 29.05 -15.01 3.18
C ALA A 14 27.85 -14.08 3.37
N THR A 15 27.65 -13.61 4.59
CA THR A 15 26.54 -12.69 4.88
C THR A 15 26.99 -11.46 5.66
N ALA A 16 28.16 -10.93 5.28
CA ALA A 16 28.69 -9.73 5.89
C ALA A 16 28.71 -9.78 7.41
N GLY A 17 28.95 -10.97 7.96
CA GLY A 17 29.01 -11.15 9.40
C GLY A 17 27.68 -11.11 10.13
N VAL A 18 26.58 -11.03 9.38
CA VAL A 18 25.23 -10.96 9.96
C VAL A 18 24.58 -12.34 10.14
N ARG A 19 24.03 -12.59 11.31
CA ARG A 19 23.37 -13.87 11.58
C ARG A 19 21.98 -13.86 10.94
N ILE A 20 21.68 -14.88 10.14
CA ILE A 20 20.38 -14.96 9.48
C ILE A 20 19.45 -15.98 10.14
N SER A 21 18.33 -15.50 10.67
CA SER A 21 17.34 -16.37 11.31
C SER A 21 16.45 -17.01 10.23
N HIS A 22 15.92 -18.21 10.50
CA HIS A 22 15.10 -18.93 9.52
C HIS A 22 15.70 -18.81 8.12
N PRO A 23 16.99 -19.14 7.99
CA PRO A 23 17.69 -19.06 6.69
C PRO A 23 17.01 -19.83 5.56
N GLN A 24 16.33 -20.92 5.90
CA GLN A 24 15.68 -21.73 4.88
C GLN A 24 14.27 -21.34 4.45
N ARG A 25 13.64 -20.37 5.11
CA ARG A 25 12.29 -20.03 4.66
C ARG A 25 12.39 -19.46 3.24
N LEU A 26 11.40 -19.77 2.43
CA LEU A 26 11.40 -19.35 1.03
C LEU A 26 10.92 -17.94 0.71
N ILE A 27 11.77 -17.20 0.01
CA ILE A 27 11.42 -15.86 -0.42
C ILE A 27 10.56 -16.01 -1.68
N ASP A 28 10.97 -16.91 -2.56
CA ASP A 28 10.23 -17.16 -3.79
C ASP A 28 10.21 -18.67 -4.05
N PRO A 29 9.09 -19.34 -3.76
CA PRO A 29 8.94 -20.79 -3.95
C PRO A 29 9.09 -21.25 -5.40
N SER A 30 8.79 -20.37 -6.35
CA SER A 30 8.85 -20.72 -7.77
C SER A 30 10.24 -21.11 -8.25
N ILE A 31 11.27 -20.54 -7.65
CA ILE A 31 12.64 -20.84 -8.03
C ILE A 31 13.40 -21.40 -6.84
N GLN A 32 12.68 -21.65 -5.75
CA GLN A 32 13.28 -22.18 -4.54
C GLN A 32 14.38 -21.29 -3.98
N ALA A 33 14.12 -19.99 -3.92
CA ALA A 33 15.08 -19.02 -3.40
C ALA A 33 14.79 -18.80 -1.92
N SER A 34 15.77 -19.10 -1.07
CA SER A 34 15.60 -18.95 0.37
C SER A 34 16.03 -17.58 0.86
N LYS A 35 15.68 -17.30 2.11
CA LYS A 35 16.06 -16.04 2.74
C LYS A 35 17.58 -15.98 2.82
N LEU A 36 18.23 -17.11 3.12
CA LEU A 36 19.69 -17.12 3.20
C LEU A 36 20.32 -16.75 1.85
N GLU A 37 19.77 -17.29 0.77
CA GLU A 37 20.30 -16.98 -0.55
C GLU A 37 20.17 -15.49 -0.85
N LEU A 38 19.05 -14.91 -0.42
CA LEU A 38 18.82 -13.49 -0.63
C LEU A 38 19.83 -12.66 0.16
N ALA A 39 20.11 -13.09 1.39
CA ALA A 39 21.08 -12.37 2.21
C ALA A 39 22.46 -12.48 1.56
N GLU A 40 22.84 -13.68 1.14
CA GLU A 40 24.13 -13.88 0.52
C GLU A 40 24.30 -13.06 -0.75
N PHE A 41 23.21 -12.87 -1.48
CA PHE A 41 23.24 -12.06 -2.70
C PHE A 41 23.57 -10.62 -2.34
N HIS A 42 22.92 -10.09 -1.30
CA HIS A 42 23.17 -8.72 -0.90
C HIS A 42 24.56 -8.51 -0.33
N ALA A 43 25.12 -9.55 0.28
CA ALA A 43 26.47 -9.46 0.81
C ALA A 43 27.46 -9.44 -0.36
N ARG A 44 27.32 -10.40 -1.28
CA ARG A 44 28.22 -10.48 -2.43
C ARG A 44 28.22 -9.23 -3.31
N TYR A 45 27.04 -8.68 -3.54
CA TYR A 45 26.92 -7.50 -4.40
C TYR A 45 26.64 -6.20 -3.64
N ALA A 46 26.94 -6.18 -2.36
CA ALA A 46 26.73 -4.98 -1.57
C ALA A 46 27.36 -3.75 -2.23
N ASP A 47 28.60 -3.88 -2.70
CA ASP A 47 29.27 -2.73 -3.34
C ASP A 47 28.49 -2.20 -4.54
N LEU A 48 27.90 -3.10 -5.32
CA LEU A 48 27.11 -2.67 -6.46
C LEU A 48 25.90 -1.86 -6.01
N LEU A 49 25.14 -2.38 -5.06
CA LEU A 49 23.96 -1.66 -4.56
C LEU A 49 24.34 -0.35 -3.88
N LEU A 50 25.48 -0.33 -3.20
CA LEU A 50 25.95 0.86 -2.51
C LEU A 50 26.33 2.00 -3.47
N ARG A 51 26.58 1.66 -4.73
CA ARG A 51 26.89 2.71 -5.70
C ARG A 51 25.71 3.68 -5.68
N ASP A 52 24.52 3.17 -5.37
CA ASP A 52 23.32 4.00 -5.30
C ASP A 52 22.87 4.35 -3.88
N LEU A 53 22.92 3.38 -2.96
CA LEU A 53 22.45 3.62 -1.59
C LEU A 53 23.36 4.33 -0.61
N ARG A 54 24.67 4.22 -0.80
CA ARG A 54 25.63 4.79 0.14
C ARG A 54 25.37 6.18 0.71
N GLU A 55 24.96 7.11 -0.15
CA GLU A 55 24.72 8.48 0.31
C GLU A 55 23.27 8.94 0.17
N ARG A 56 22.35 8.01 -0.02
CA ARG A 56 20.95 8.39 -0.19
C ARG A 56 20.01 7.77 0.81
N PRO A 57 18.94 8.50 1.18
CA PRO A 57 17.97 7.95 2.13
C PRO A 57 17.34 6.77 1.38
N VAL A 58 16.88 5.76 2.11
CA VAL A 58 16.32 4.60 1.44
C VAL A 58 15.00 4.14 2.06
N SER A 59 14.10 3.66 1.20
CA SER A 59 12.81 3.12 1.62
C SER A 59 12.93 1.62 1.42
N LEU A 60 12.36 0.85 2.34
CA LEU A 60 12.44 -0.61 2.27
C LEU A 60 11.12 -1.25 1.89
N VAL A 61 11.20 -2.35 1.15
CA VAL A 61 10.02 -3.12 0.77
C VAL A 61 10.28 -4.44 1.47
N ARG A 62 9.58 -4.68 2.58
CA ARG A 62 9.75 -5.88 3.37
C ARG A 62 8.65 -6.92 3.15
N GLY A 63 9.06 -8.17 3.03
CA GLY A 63 8.09 -9.25 2.84
C GLY A 63 8.41 -10.35 3.83
N PRO A 64 7.86 -10.28 5.05
CA PRO A 64 8.09 -11.28 6.09
C PRO A 64 7.73 -12.72 5.75
N ASP A 65 6.83 -12.89 4.77
CA ASP A 65 6.37 -14.21 4.35
C ASP A 65 6.70 -14.51 2.89
N GLY A 66 7.69 -13.80 2.35
CA GLY A 66 8.06 -14.02 0.96
C GLY A 66 7.15 -13.29 -0.01
N ILE A 67 7.38 -13.48 -1.30
CA ILE A 67 6.59 -12.80 -2.32
C ILE A 67 5.16 -13.33 -2.36
N GLY A 68 4.91 -14.47 -1.73
CA GLY A 68 3.57 -15.03 -1.71
C GLY A 68 2.72 -14.36 -0.65
N GLY A 69 3.37 -13.59 0.23
CA GLY A 69 2.65 -12.89 1.28
C GLY A 69 2.49 -11.44 0.87
N GLU A 70 2.29 -10.55 1.84
CA GLU A 70 2.14 -9.14 1.53
C GLU A 70 3.45 -8.39 1.75
N LEU A 71 3.50 -7.17 1.24
CA LEU A 71 4.70 -6.36 1.35
C LEU A 71 4.45 -5.11 2.16
N PHE A 72 5.46 -4.73 2.95
CA PHE A 72 5.41 -3.55 3.80
C PHE A 72 6.38 -2.54 3.21
N PHE A 73 5.86 -1.38 2.80
CA PHE A 73 6.72 -0.33 2.25
C PHE A 73 7.06 0.60 3.41
N GLN A 74 8.30 0.54 3.88
CA GLN A 74 8.70 1.35 5.02
C GLN A 74 9.67 2.48 4.72
N LYS A 75 9.33 3.67 5.24
CA LYS A 75 10.15 4.87 5.05
C LYS A 75 10.85 5.27 6.35
N HIS A 76 10.12 5.13 7.46
CA HIS A 76 10.63 5.51 8.78
C HIS A 76 10.64 4.36 9.78
N ALA A 77 11.49 4.48 10.79
CA ALA A 77 11.56 3.47 11.85
C ALA A 77 12.07 4.08 13.16
N ALA A 78 11.36 3.80 14.25
CA ALA A 78 11.72 4.30 15.58
C ALA A 78 12.86 3.47 16.18
N ARG A 79 12.71 2.15 16.14
CA ARG A 79 13.72 1.24 16.66
C ARG A 79 14.14 0.27 15.55
N LEU A 80 15.44 0.15 15.35
CA LEU A 80 15.96 -0.73 14.31
C LEU A 80 16.79 -1.86 14.87
N LYS A 81 16.52 -3.06 14.40
CA LYS A 81 17.25 -4.24 14.85
C LYS A 81 18.29 -4.54 13.77
N ILE A 82 18.67 -3.50 13.01
CA ILE A 82 19.65 -3.63 11.94
C ILE A 82 20.95 -2.94 12.32
N PRO A 83 21.94 -3.72 12.81
CA PRO A 83 23.22 -3.14 13.19
C PRO A 83 23.87 -2.41 12.03
N GLY A 84 24.21 -1.14 12.24
CA GLY A 84 24.84 -0.37 11.19
C GLY A 84 23.92 0.56 10.43
N ILE A 85 22.62 0.32 10.49
CA ILE A 85 21.68 1.16 9.77
C ILE A 85 21.75 2.57 10.36
N VAL A 86 21.57 3.59 9.53
CA VAL A 86 21.63 4.97 10.00
C VAL A 86 20.24 5.61 10.06
N GLN A 87 19.90 6.19 11.20
CA GLN A 87 18.63 6.87 11.37
C GLN A 87 18.89 8.35 11.15
N LEU A 88 18.20 8.93 10.18
CA LEU A 88 18.38 10.34 9.85
C LEU A 88 17.65 11.29 10.79
N ASP A 89 17.95 12.58 10.68
CA ASP A 89 17.33 13.61 11.52
C ASP A 89 15.83 13.73 11.28
N PRO A 90 15.01 13.58 12.34
CA PRO A 90 13.56 13.69 12.20
C PRO A 90 13.15 15.04 11.59
N ALA A 91 14.00 16.05 11.78
CA ALA A 91 13.69 17.38 11.24
C ALA A 91 13.52 17.33 9.72
N LEU A 92 14.01 16.26 9.09
CA LEU A 92 13.88 16.12 7.64
C LEU A 92 12.44 15.76 7.23
N ASP A 93 11.70 15.19 8.17
CA ASP A 93 10.33 14.78 7.91
C ASP A 93 9.59 14.80 9.26
N PRO A 94 9.27 16.02 9.75
CA PRO A 94 8.57 16.21 11.03
C PRO A 94 7.28 15.42 11.12
N GLY A 95 6.99 14.92 12.31
CA GLY A 95 5.77 14.16 12.53
C GLY A 95 5.92 12.68 12.24
N HIS A 96 7.14 12.24 11.94
CA HIS A 96 7.40 10.85 11.63
C HIS A 96 8.69 10.39 12.30
N PRO A 97 8.85 9.07 12.49
CA PRO A 97 10.08 8.54 13.10
C PRO A 97 11.19 8.86 12.10
N PRO A 98 12.44 8.62 12.47
CA PRO A 98 13.59 8.88 11.60
C PRO A 98 13.58 8.14 10.25
N LEU A 99 14.04 8.81 9.19
CA LEU A 99 14.16 8.17 7.88
C LEU A 99 15.34 7.22 8.02
N LEU A 100 15.62 6.45 6.97
CA LEU A 100 16.69 5.45 7.02
C LEU A 100 17.76 5.61 5.95
N GLN A 101 18.97 5.15 6.26
CA GLN A 101 20.08 5.22 5.30
C GLN A 101 20.97 3.99 5.50
N ILE A 102 21.33 3.33 4.41
CA ILE A 102 22.18 2.14 4.45
C ILE A 102 23.50 2.49 3.77
N ARG A 103 24.59 2.42 4.52
CA ARG A 103 25.89 2.80 3.97
C ARG A 103 26.93 1.68 3.98
N SER A 104 26.50 0.47 4.32
CA SER A 104 27.46 -0.64 4.41
C SER A 104 26.83 -2.00 4.09
N ALA A 105 27.69 -2.98 3.82
CA ALA A 105 27.22 -4.32 3.53
C ALA A 105 26.52 -4.90 4.75
N GLU A 106 27.05 -4.63 5.95
CA GLU A 106 26.44 -5.15 7.18
C GLU A 106 25.01 -4.62 7.35
N ALA A 107 24.84 -3.33 7.11
CA ALA A 107 23.53 -2.70 7.23
C ALA A 107 22.60 -3.27 6.15
N LEU A 108 23.13 -3.40 4.94
CA LEU A 108 22.35 -3.94 3.83
C LEU A 108 21.85 -5.35 4.16
N VAL A 109 22.77 -6.24 4.55
CA VAL A 109 22.36 -7.61 4.88
C VAL A 109 21.46 -7.61 6.11
N GLY A 110 21.76 -6.75 7.09
CA GLY A 110 20.92 -6.68 8.26
C GLY A 110 19.48 -6.38 7.88
N ALA A 111 19.31 -5.52 6.87
CA ALA A 111 17.97 -5.16 6.42
C ALA A 111 17.28 -6.39 5.85
N VAL A 112 18.02 -7.20 5.07
CA VAL A 112 17.46 -8.42 4.52
C VAL A 112 17.06 -9.36 5.66
N GLN A 113 17.91 -9.45 6.67
CA GLN A 113 17.64 -10.30 7.84
C GLN A 113 16.30 -9.89 8.47
N MET A 114 15.96 -8.62 8.38
CA MET A 114 14.71 -8.16 8.96
C MET A 114 13.54 -8.15 7.96
N GLY A 115 13.68 -8.91 6.86
CA GLY A 115 12.62 -9.02 5.89
C GLY A 115 12.68 -8.20 4.61
N SER A 116 13.65 -7.30 4.51
CA SER A 116 13.77 -6.47 3.32
C SER A 116 14.07 -7.27 2.07
N ILE A 117 13.37 -6.94 0.98
CA ILE A 117 13.61 -7.60 -0.30
C ILE A 117 14.02 -6.54 -1.34
N GLU A 118 13.37 -5.39 -1.32
CA GLU A 118 13.71 -4.32 -2.27
C GLU A 118 14.20 -3.07 -1.55
N PHE A 119 15.03 -2.29 -2.24
CA PHE A 119 15.57 -1.05 -1.70
C PHE A 119 15.33 0.05 -2.71
N HIS A 120 14.67 1.13 -2.28
CA HIS A 120 14.38 2.26 -3.17
C HIS A 120 15.00 3.53 -2.59
N THR A 121 15.71 4.28 -3.41
CA THR A 121 16.37 5.49 -2.92
C THR A 121 15.77 6.81 -3.42
N TRP A 122 15.99 7.86 -2.63
CA TRP A 122 15.54 9.23 -2.93
C TRP A 122 16.40 9.78 -4.05
N ASN A 123 15.88 10.79 -4.77
CA ASN A 123 16.62 11.44 -5.85
C ASN A 123 17.51 12.56 -5.31
N ALA A 124 17.96 12.41 -4.07
CA ALA A 124 18.83 13.39 -3.44
C ALA A 124 19.79 12.66 -2.51
N SER A 125 20.96 13.26 -2.27
CA SER A 125 21.96 12.66 -1.40
C SER A 125 22.17 13.51 -0.15
N LEU A 126 22.73 12.89 0.88
CA LEU A 126 22.98 13.56 2.16
C LEU A 126 23.69 14.90 2.10
N ALA A 127 24.46 15.12 1.03
CA ALA A 127 25.17 16.38 0.84
C ALA A 127 24.17 17.53 0.96
N ASN A 128 22.98 17.33 0.41
CA ASN A 128 21.91 18.34 0.47
C ASN A 128 20.61 17.67 0.05
N LEU A 129 19.79 17.32 1.05
CA LEU A 129 18.52 16.68 0.77
C LEU A 129 17.45 17.62 0.28
N GLU A 130 17.78 18.90 0.13
CA GLU A 130 16.81 19.88 -0.35
C GLU A 130 17.05 20.27 -1.81
N ARG A 131 18.09 19.69 -2.40
CA ARG A 131 18.46 19.95 -3.79
C ARG A 131 18.70 18.60 -4.47
N PRO A 132 17.71 18.07 -5.20
CA PRO A 132 17.87 16.78 -5.88
C PRO A 132 19.10 16.72 -6.77
N ASP A 133 19.74 15.56 -6.84
CA ASP A 133 20.91 15.41 -7.70
C ASP A 133 20.58 14.55 -8.92
N ARG A 134 19.28 14.41 -9.20
CA ARG A 134 18.82 13.63 -10.34
C ARG A 134 17.30 13.63 -10.39
N PHE A 135 16.76 13.25 -11.55
CA PHE A 135 15.33 13.10 -11.69
C PHE A 135 15.16 11.78 -12.43
N VAL A 136 14.00 11.16 -12.29
CA VAL A 136 13.76 9.88 -12.93
C VAL A 136 12.51 9.89 -13.78
N LEU A 137 12.57 9.18 -14.89
CA LEU A 137 11.43 9.05 -15.79
C LEU A 137 11.18 7.55 -15.78
N ASP A 138 10.00 7.17 -15.30
CA ASP A 138 9.64 5.76 -15.22
C ASP A 138 8.54 5.46 -16.24
N LEU A 139 8.89 4.71 -17.28
CA LEU A 139 7.92 4.38 -18.31
C LEU A 139 7.03 3.21 -17.90
N ASP A 140 5.75 3.52 -17.68
CA ASP A 140 4.74 2.53 -17.29
C ASP A 140 3.82 2.26 -18.46
N PRO A 141 3.88 1.04 -19.02
CA PRO A 141 3.05 0.67 -20.16
C PRO A 141 1.74 0.01 -19.78
N ASP A 142 0.84 -0.06 -20.76
CA ASP A 142 -0.42 -0.73 -20.57
C ASP A 142 -0.02 -2.20 -20.48
N PRO A 143 -0.55 -2.95 -19.51
CA PRO A 143 -0.23 -4.37 -19.32
C PRO A 143 -0.35 -5.23 -20.58
N ALA A 144 -1.28 -4.87 -21.46
CA ALA A 144 -1.48 -5.64 -22.69
C ALA A 144 -0.80 -5.01 -23.89
N LEU A 145 0.32 -4.33 -23.66
CA LEU A 145 1.04 -3.67 -24.74
C LEU A 145 2.30 -4.45 -25.10
N PRO A 146 2.56 -4.66 -26.40
CA PRO A 146 3.74 -5.40 -26.87
C PRO A 146 5.04 -4.79 -26.35
N TRP A 147 5.99 -5.64 -25.98
CA TRP A 147 7.27 -5.17 -25.47
C TRP A 147 7.95 -4.20 -26.44
N LYS A 148 7.80 -4.47 -27.73
CA LYS A 148 8.42 -3.61 -28.74
C LYS A 148 8.00 -2.14 -28.55
N ARG A 149 6.79 -1.93 -28.03
CA ARG A 149 6.28 -0.58 -27.78
C ARG A 149 7.13 0.13 -26.72
N MET A 150 7.55 -0.61 -25.71
CA MET A 150 8.37 -0.03 -24.63
C MET A 150 9.73 0.36 -25.18
N LEU A 151 10.28 -0.48 -26.07
CA LEU A 151 11.59 -0.21 -26.66
C LEU A 151 11.54 1.05 -27.53
N GLU A 152 10.51 1.14 -28.37
CA GLU A 152 10.36 2.29 -29.25
C GLU A 152 10.14 3.58 -28.44
N ALA A 153 9.39 3.45 -27.35
CA ALA A 153 9.11 4.58 -26.46
C ALA A 153 10.36 5.02 -25.72
N THR A 154 11.20 4.06 -25.34
CA THR A 154 12.43 4.39 -24.63
C THR A 154 13.39 5.10 -25.60
N GLN A 155 13.47 4.60 -26.82
CA GLN A 155 14.32 5.21 -27.84
C GLN A 155 13.89 6.67 -28.10
N LEU A 156 12.59 6.89 -28.20
CA LEU A 156 12.06 8.24 -28.44
C LEU A 156 12.33 9.19 -27.28
N SER A 157 12.26 8.65 -26.06
CA SER A 157 12.51 9.45 -24.86
C SER A 157 13.98 9.88 -24.82
N LEU A 158 14.87 8.95 -25.14
CA LEU A 158 16.30 9.24 -25.15
C LEU A 158 16.62 10.29 -26.23
N THR A 159 15.93 10.22 -27.36
CA THR A 159 16.16 11.16 -28.44
C THR A 159 15.81 12.58 -27.98
N LEU A 160 14.74 12.71 -27.21
CA LEU A 160 14.34 14.00 -26.70
C LEU A 160 15.39 14.51 -25.73
N LEU A 161 15.82 13.65 -24.82
CA LEU A 161 16.86 14.02 -23.85
C LEU A 161 18.13 14.49 -24.56
N ASP A 162 18.48 13.84 -25.66
CA ASP A 162 19.68 14.23 -26.41
C ASP A 162 19.53 15.66 -26.95
N GLU A 163 18.34 15.98 -27.44
CA GLU A 163 18.08 17.31 -27.97
C GLU A 163 18.17 18.35 -26.88
N LEU A 164 17.76 17.99 -25.67
CA LEU A 164 17.80 18.90 -24.53
C LEU A 164 19.24 19.06 -24.03
N GLY A 165 20.12 18.16 -24.47
CA GLY A 165 21.50 18.21 -24.04
C GLY A 165 21.70 17.55 -22.69
N LEU A 166 20.82 16.61 -22.35
CA LEU A 166 20.92 15.91 -21.07
C LEU A 166 21.32 14.45 -21.23
N ARG A 167 22.32 14.02 -20.45
CA ARG A 167 22.80 12.65 -20.47
C ARG A 167 21.86 11.80 -19.62
N ALA A 168 21.48 10.64 -20.12
CA ALA A 168 20.57 9.75 -19.41
C ALA A 168 21.15 8.36 -19.21
N PHE A 169 20.78 7.73 -18.10
CA PHE A 169 21.27 6.40 -17.79
C PHE A 169 20.07 5.45 -17.64
N LEU A 170 20.08 4.43 -18.48
CA LEU A 170 19.00 3.45 -18.55
C LEU A 170 19.17 2.19 -17.71
N LYS A 171 18.05 1.67 -17.21
CA LYS A 171 18.06 0.41 -16.47
C LYS A 171 16.70 -0.24 -16.54
N THR A 172 16.68 -1.57 -16.58
CA THR A 172 15.40 -2.27 -16.59
C THR A 172 14.88 -2.06 -15.17
N SER A 173 13.57 -2.08 -14.99
CA SER A 173 12.98 -1.88 -13.67
C SER A 173 12.93 -3.21 -12.92
N GLY A 174 12.96 -4.30 -13.68
CA GLY A 174 12.89 -5.62 -13.11
C GLY A 174 11.42 -6.02 -13.14
N GLY A 175 10.58 -5.06 -13.55
CA GLY A 175 9.16 -5.30 -13.61
C GLY A 175 8.59 -5.34 -15.02
N LYS A 176 8.03 -4.22 -15.47
CA LYS A 176 7.44 -4.21 -16.81
C LYS A 176 7.90 -3.04 -17.68
N GLY A 177 8.71 -2.14 -17.13
CA GLY A 177 9.15 -1.01 -17.91
C GLY A 177 10.61 -0.63 -17.74
N MET A 178 11.01 0.50 -18.32
CA MET A 178 12.40 0.98 -18.23
C MET A 178 12.44 2.24 -17.37
N HIS A 179 13.59 2.45 -16.73
CA HIS A 179 13.82 3.60 -15.89
C HIS A 179 14.92 4.44 -16.50
N LEU A 180 14.71 5.75 -16.53
CA LEU A 180 15.70 6.67 -17.07
C LEU A 180 16.15 7.62 -15.96
N LEU A 181 17.42 7.56 -15.58
CA LEU A 181 17.95 8.44 -14.55
C LEU A 181 18.79 9.54 -15.17
N VAL A 182 18.46 10.77 -14.81
CA VAL A 182 19.19 11.92 -15.33
C VAL A 182 19.78 12.71 -14.17
N PRO A 183 21.11 12.63 -14.01
CA PRO A 183 21.75 13.36 -12.91
C PRO A 183 21.70 14.86 -13.14
N LEU A 184 21.73 15.62 -12.05
CA LEU A 184 21.69 17.07 -12.11
C LEU A 184 22.53 17.69 -11.00
N GLU A 185 23.15 18.83 -11.30
CA GLU A 185 23.94 19.52 -10.29
C GLU A 185 22.93 20.00 -9.26
N ARG A 186 23.33 20.02 -7.99
CA ARG A 186 22.45 20.46 -6.91
C ARG A 186 22.24 21.97 -6.95
N ARG A 187 21.49 22.43 -7.95
CA ARG A 187 21.23 23.86 -8.10
C ARG A 187 19.75 24.18 -8.14
N HIS A 188 18.92 23.15 -8.03
CA HIS A 188 17.48 23.34 -8.10
C HIS A 188 16.75 22.71 -6.92
N GLY A 189 15.59 23.28 -6.59
CA GLY A 189 14.80 22.75 -5.49
C GLY A 189 13.94 21.59 -5.96
N TRP A 190 13.26 20.94 -5.03
CA TRP A 190 12.41 19.80 -5.38
C TRP A 190 11.32 20.12 -6.40
N ASP A 191 10.58 21.20 -6.16
CA ASP A 191 9.51 21.56 -7.08
C ASP A 191 10.02 21.84 -8.49
N GLU A 192 11.14 22.55 -8.59
CA GLU A 192 11.70 22.89 -9.90
C GLU A 192 12.05 21.65 -10.71
N VAL A 193 12.67 20.67 -10.07
CA VAL A 193 13.05 19.45 -10.76
C VAL A 193 11.84 18.63 -11.18
N LYS A 194 10.89 18.49 -10.26
CA LYS A 194 9.68 17.73 -10.55
C LYS A 194 8.89 18.36 -11.71
N ASP A 195 8.77 19.68 -11.70
CA ASP A 195 8.04 20.37 -12.76
C ASP A 195 8.74 20.18 -14.10
N PHE A 196 10.06 20.13 -14.09
CA PHE A 196 10.84 19.92 -15.30
C PHE A 196 10.57 18.51 -15.82
N ALA A 197 10.55 17.54 -14.92
CA ALA A 197 10.30 16.16 -15.30
C ALA A 197 8.88 16.04 -15.87
N GLN A 198 7.93 16.74 -15.24
CA GLN A 198 6.56 16.71 -15.72
C GLN A 198 6.49 17.36 -17.11
N ALA A 199 7.25 18.43 -17.31
CA ALA A 199 7.27 19.13 -18.59
C ALA A 199 7.72 18.21 -19.72
N ILE A 200 8.67 17.32 -19.40
CA ILE A 200 9.18 16.37 -20.38
C ILE A 200 8.10 15.36 -20.72
N SER A 201 7.41 14.87 -19.69
CA SER A 201 6.34 13.90 -19.90
C SER A 201 5.23 14.49 -20.77
N GLN A 202 4.79 15.70 -20.45
CA GLN A 202 3.72 16.35 -21.20
C GLN A 202 4.16 16.65 -22.63
N HIS A 203 5.43 17.01 -22.79
CA HIS A 203 5.96 17.29 -24.13
C HIS A 203 5.84 16.05 -24.99
N LEU A 204 6.22 14.89 -24.45
CA LEU A 204 6.13 13.64 -25.19
C LEU A 204 4.69 13.27 -25.49
N ALA A 205 3.79 13.54 -24.55
CA ALA A 205 2.37 13.22 -24.74
C ALA A 205 1.75 14.10 -25.82
N ARG A 206 2.24 15.32 -25.94
CA ARG A 206 1.72 16.25 -26.95
C ARG A 206 2.24 15.89 -28.34
N LEU A 207 3.51 15.53 -28.42
CA LEU A 207 4.10 15.17 -29.71
C LEU A 207 3.51 13.88 -30.28
N MET A 208 3.36 12.87 -29.43
CA MET A 208 2.84 11.57 -29.85
C MET A 208 1.78 11.08 -28.86
N PRO A 209 0.56 11.64 -28.91
CA PRO A 209 -0.52 11.23 -27.99
C PRO A 209 -0.93 9.77 -28.17
N GLU A 210 -0.56 9.18 -29.30
CA GLU A 210 -0.91 7.79 -29.54
C GLU A 210 0.03 6.85 -28.77
N ARG A 211 1.21 7.34 -28.42
CA ARG A 211 2.19 6.52 -27.70
C ARG A 211 2.34 6.87 -26.23
N PHE A 212 2.37 8.17 -25.94
CA PHE A 212 2.59 8.66 -24.59
C PHE A 212 1.42 9.31 -23.86
N SER A 213 1.47 9.22 -22.54
CA SER A 213 0.48 9.78 -21.65
C SER A 213 1.22 10.48 -20.51
N ALA A 214 0.74 11.64 -20.10
CA ALA A 214 1.38 12.36 -19.01
C ALA A 214 0.50 12.40 -17.76
N VAL A 215 -0.56 11.59 -17.77
CA VAL A 215 -1.50 11.52 -16.65
C VAL A 215 -1.44 10.14 -16.00
N SER A 216 -1.27 10.10 -14.68
CA SER A 216 -1.18 8.86 -13.94
C SER A 216 -2.50 8.07 -13.96
N GLY A 217 -2.41 6.79 -13.65
CA GLY A 217 -3.59 5.95 -13.64
C GLY A 217 -3.71 5.09 -14.88
N PRO A 218 -3.91 3.77 -14.71
CA PRO A 218 -4.04 2.84 -15.84
C PRO A 218 -5.12 3.27 -16.83
N ARG A 219 -6.22 3.79 -16.31
CA ARG A 219 -7.31 4.24 -17.18
C ARG A 219 -6.89 5.40 -18.06
N ASN A 220 -5.74 5.99 -17.72
CA ASN A 220 -5.22 7.12 -18.48
C ASN A 220 -4.05 6.75 -19.39
N ARG A 221 -3.86 5.45 -19.63
CA ARG A 221 -2.78 4.99 -20.50
C ARG A 221 -3.15 3.70 -21.23
N VAL A 222 -4.43 3.50 -21.51
CA VAL A 222 -4.85 2.29 -22.21
C VAL A 222 -4.22 2.24 -23.59
N GLY A 223 -3.45 1.18 -23.83
CA GLY A 223 -2.78 1.02 -25.11
C GLY A 223 -1.66 2.02 -25.30
N LYS A 224 -1.20 2.61 -24.21
CA LYS A 224 -0.13 3.61 -24.27
C LYS A 224 0.87 3.45 -23.12
N ILE A 225 1.87 4.31 -23.09
CA ILE A 225 2.87 4.29 -22.04
C ILE A 225 2.88 5.62 -21.30
N PHE A 226 2.80 5.54 -19.98
CA PHE A 226 2.80 6.73 -19.12
C PHE A 226 4.20 7.07 -18.65
N VAL A 227 4.69 8.26 -19.01
CA VAL A 227 6.02 8.69 -18.60
C VAL A 227 5.86 9.24 -17.19
N ASP A 228 6.00 8.35 -16.21
CA ASP A 228 5.83 8.70 -14.81
C ASP A 228 6.91 9.66 -14.32
N TYR A 229 6.48 10.80 -13.79
CA TYR A 229 7.38 11.82 -13.27
C TYR A 229 7.14 12.03 -11.77
N LEU A 230 6.14 11.33 -11.24
CA LEU A 230 5.75 11.43 -9.83
C LEU A 230 6.80 10.94 -8.83
N ARG A 231 7.73 10.12 -9.28
CA ARG A 231 8.77 9.59 -8.42
C ARG A 231 9.74 10.71 -8.04
N ASN A 232 9.53 11.88 -8.60
CA ASN A 232 10.42 13.00 -8.32
C ASN A 232 9.94 13.89 -7.18
N SER A 233 8.95 13.42 -6.44
CA SER A 233 8.45 14.19 -5.30
C SER A 233 9.41 13.98 -4.13
N ARG A 234 9.55 14.96 -3.25
CA ARG A 234 10.44 14.81 -2.11
C ARG A 234 9.89 13.67 -1.26
N GLY A 235 10.73 12.70 -0.93
CA GLY A 235 10.25 11.59 -0.12
C GLY A 235 9.94 10.36 -0.95
N ALA A 236 9.74 10.55 -2.25
CA ALA A 236 9.44 9.44 -3.14
C ALA A 236 10.76 8.74 -3.42
N SER A 237 10.70 7.57 -4.05
CA SER A 237 11.91 6.83 -4.34
C SER A 237 11.79 5.92 -5.56
N THR A 238 12.93 5.38 -6.00
CA THR A 238 12.95 4.50 -7.16
C THR A 238 13.87 3.31 -6.87
N VAL A 239 13.45 2.12 -7.29
CA VAL A 239 14.25 0.94 -7.04
C VAL A 239 15.70 1.14 -7.48
N ALA A 240 16.63 0.74 -6.62
CA ALA A 240 18.06 0.91 -6.91
C ALA A 240 18.61 -0.04 -7.95
N ALA A 241 19.55 0.45 -8.74
CA ALA A 241 20.19 -0.37 -9.75
C ALA A 241 20.79 -1.57 -9.02
N TYR A 242 20.63 -2.75 -9.62
CA TYR A 242 21.12 -4.01 -9.10
C TYR A 242 20.35 -4.57 -7.90
N SER A 243 19.25 -3.93 -7.55
CA SER A 243 18.44 -4.40 -6.44
C SER A 243 17.39 -5.38 -6.94
N VAL A 244 16.97 -6.29 -6.07
CA VAL A 244 15.99 -7.33 -6.39
C VAL A 244 14.53 -6.86 -6.27
N ARG A 245 13.64 -7.44 -7.07
CA ARG A 245 12.21 -7.11 -7.02
C ARG A 245 11.47 -8.26 -6.35
N ALA A 246 10.50 -7.94 -5.48
CA ALA A 246 9.72 -8.95 -4.78
C ALA A 246 8.61 -9.45 -5.72
N ARG A 247 9.04 -10.10 -6.79
CA ARG A 247 8.13 -10.63 -7.80
C ARG A 247 8.64 -12.00 -8.24
N GLU A 248 7.77 -12.76 -8.91
CA GLU A 248 8.14 -14.09 -9.37
C GLU A 248 9.47 -14.11 -10.12
N GLY A 249 10.34 -15.04 -9.74
CA GLY A 249 11.63 -15.17 -10.37
C GLY A 249 12.70 -14.24 -9.79
N LEU A 250 12.30 -13.40 -8.83
CA LEU A 250 13.21 -12.44 -8.22
C LEU A 250 14.05 -11.70 -9.26
N PRO A 251 13.39 -10.96 -10.17
CA PRO A 251 14.14 -10.21 -11.19
C PRO A 251 14.91 -9.05 -10.56
N VAL A 252 15.93 -8.56 -11.27
CA VAL A 252 16.75 -7.46 -10.77
C VAL A 252 16.68 -6.26 -11.72
N SER A 253 16.82 -5.05 -11.18
CA SER A 253 16.79 -3.83 -12.00
C SER A 253 18.23 -3.68 -12.50
N VAL A 254 18.42 -3.80 -13.81
CA VAL A 254 19.75 -3.78 -14.38
C VAL A 254 20.11 -2.65 -15.35
N PRO A 255 21.21 -1.92 -15.05
CA PRO A 255 21.66 -0.83 -15.93
C PRO A 255 22.05 -1.41 -17.29
N VAL A 256 21.65 -0.75 -18.37
CA VAL A 256 22.00 -1.26 -19.70
C VAL A 256 22.49 -0.16 -20.62
N PHE A 257 23.27 -0.53 -21.63
CA PHE A 257 23.79 0.41 -22.61
C PHE A 257 22.65 0.75 -23.55
N ARG A 258 22.63 1.98 -24.08
CA ARG A 258 21.57 2.34 -25.02
C ARG A 258 21.70 1.46 -26.26
N GLU A 259 22.93 1.03 -26.56
CA GLU A 259 23.15 0.21 -27.74
C GLU A 259 22.60 -1.21 -27.66
N GLU A 260 22.24 -1.68 -26.47
CA GLU A 260 21.71 -3.03 -26.32
C GLU A 260 20.22 -3.02 -26.01
N LEU A 261 19.64 -1.82 -25.99
CA LEU A 261 18.22 -1.65 -25.69
C LEU A 261 17.34 -2.45 -26.64
N ASP A 262 17.54 -2.28 -27.93
CA ASP A 262 16.72 -3.00 -28.89
C ASP A 262 16.90 -4.52 -28.84
N SER A 263 17.91 -5.00 -28.10
CA SER A 263 18.12 -6.43 -27.99
C SER A 263 17.43 -7.01 -26.76
N LEU A 264 16.87 -6.14 -25.92
CA LEU A 264 16.18 -6.59 -24.71
C LEU A 264 14.84 -7.22 -25.07
N GLN A 265 14.41 -8.19 -24.28
CA GLN A 265 13.13 -8.86 -24.54
C GLN A 265 12.13 -8.68 -23.41
N GLY A 266 12.58 -8.07 -22.31
CA GLY A 266 11.69 -7.85 -21.19
C GLY A 266 12.36 -7.11 -20.05
N ALA A 267 11.55 -6.43 -19.23
CA ALA A 267 12.09 -5.68 -18.10
C ALA A 267 12.62 -6.59 -17.00
N ASN A 268 12.25 -7.86 -17.03
CA ASN A 268 12.72 -8.81 -16.02
C ASN A 268 13.57 -9.90 -16.62
N GLN A 269 14.36 -9.59 -17.65
CA GLN A 269 15.15 -10.63 -18.27
C GLN A 269 16.29 -11.13 -17.39
N TRP A 270 16.68 -10.34 -16.39
CA TRP A 270 17.72 -10.76 -15.46
C TRP A 270 17.16 -10.92 -14.06
N ASN A 271 17.69 -11.90 -13.32
CA ASN A 271 17.24 -12.18 -11.95
C ASN A 271 18.43 -12.33 -11.00
N LEU A 272 18.19 -12.49 -9.71
CA LEU A 272 19.32 -12.57 -8.79
C LEU A 272 20.29 -13.71 -9.09
N ARG A 273 19.84 -14.74 -9.77
CA ARG A 273 20.76 -15.82 -10.10
C ARG A 273 21.43 -15.66 -11.46
N SER A 274 20.87 -14.87 -12.37
CA SER A 274 21.49 -14.67 -13.66
C SER A 274 22.37 -13.43 -13.70
N LEU A 275 22.29 -12.60 -12.67
CA LEU A 275 23.10 -11.38 -12.63
C LEU A 275 24.59 -11.70 -12.75
N PRO A 276 25.06 -12.75 -12.06
CA PRO A 276 26.49 -13.10 -12.14
C PRO A 276 26.92 -13.27 -13.60
N GLN A 277 26.10 -13.94 -14.39
CA GLN A 277 26.42 -14.16 -15.79
C GLN A 277 26.43 -12.85 -16.55
N ARG A 278 25.50 -11.96 -16.20
CA ARG A 278 25.43 -10.64 -16.83
C ARG A 278 26.76 -9.90 -16.61
N LEU A 279 27.20 -9.87 -15.37
CA LEU A 279 28.44 -9.19 -15.00
C LEU A 279 29.65 -9.85 -15.67
N ASP A 280 29.60 -11.16 -15.85
CA ASP A 280 30.70 -11.86 -16.50
C ASP A 280 30.74 -11.54 -17.98
N GLU A 281 29.56 -11.49 -18.62
CA GLU A 281 29.49 -11.18 -20.04
C GLU A 281 29.99 -9.76 -20.29
N LEU A 282 29.64 -8.84 -19.40
CA LEU A 282 30.08 -7.46 -19.52
C LEU A 282 31.59 -7.38 -19.33
N ALA A 283 32.12 -8.24 -18.46
CA ALA A 283 33.54 -8.30 -18.17
C ALA A 283 34.16 -6.92 -17.95
N GLY A 284 33.62 -6.16 -17.00
CA GLY A 284 34.16 -4.85 -16.72
C GLY A 284 33.40 -3.70 -17.36
N ASP A 285 32.87 -3.90 -18.57
CA ASP A 285 32.11 -2.86 -19.24
C ASP A 285 30.98 -2.39 -18.33
N ASP A 286 30.97 -1.08 -18.04
CA ASP A 286 29.95 -0.50 -17.18
C ASP A 286 29.04 0.47 -17.93
N PRO A 287 27.75 0.11 -18.07
CA PRO A 287 26.74 0.94 -18.76
C PRO A 287 26.69 2.35 -18.19
N TRP A 288 26.92 2.47 -16.89
CA TRP A 288 26.86 3.77 -16.22
C TRP A 288 28.24 4.31 -15.83
N ALA A 289 29.26 3.93 -16.59
CA ALA A 289 30.62 4.40 -16.32
C ALA A 289 30.71 5.92 -16.24
N ASP A 290 29.88 6.62 -17.01
CA ASP A 290 29.93 8.09 -17.00
C ASP A 290 28.94 8.79 -16.09
N TYR A 291 28.28 8.05 -15.21
CA TYR A 291 27.28 8.64 -14.31
C TYR A 291 27.85 9.67 -13.33
N ALA A 292 28.66 9.19 -12.41
CA ALA A 292 29.26 10.04 -11.38
C ALA A 292 29.97 11.27 -11.92
N GLY A 293 30.51 11.17 -13.14
CA GLY A 293 31.21 12.28 -13.73
C GLY A 293 30.36 13.26 -14.51
N THR A 294 29.09 12.95 -14.67
CA THR A 294 28.19 13.83 -15.41
C THR A 294 27.87 15.10 -14.64
N ARG A 295 27.97 16.24 -15.31
CA ARG A 295 27.69 17.54 -14.71
C ARG A 295 26.74 18.30 -15.63
N GLN A 296 25.48 18.40 -15.24
CA GLN A 296 24.50 19.10 -16.06
C GLN A 296 23.44 19.72 -15.18
N ARG A 297 22.77 20.75 -15.71
CA ARG A 297 21.75 21.45 -14.94
C ARG A 297 20.60 21.85 -15.87
N ILE A 298 19.48 22.28 -15.29
CA ILE A 298 18.33 22.70 -16.07
C ILE A 298 18.61 24.11 -16.60
N SER A 299 18.53 24.30 -17.90
CA SER A 299 18.80 25.61 -18.47
C SER A 299 17.58 26.23 -19.12
N ALA A 300 17.66 27.54 -19.34
CA ALA A 300 16.57 28.27 -19.97
C ALA A 300 16.31 27.69 -21.35
N ALA A 301 17.38 27.26 -22.02
CA ALA A 301 17.24 26.69 -23.36
C ALA A 301 16.39 25.44 -23.32
N MET A 302 16.56 24.64 -22.27
CA MET A 302 15.77 23.42 -22.14
C MET A 302 14.30 23.74 -21.96
N ARG A 303 13.98 24.76 -21.16
CA ARG A 303 12.59 25.11 -20.95
C ARG A 303 11.98 25.61 -22.26
N ARG A 304 12.78 26.30 -23.06
CA ARG A 304 12.29 26.80 -24.35
C ARG A 304 11.90 25.63 -25.23
N GLN A 305 12.76 24.61 -25.30
CA GLN A 305 12.49 23.45 -26.12
C GLN A 305 11.27 22.67 -25.64
N LEU A 306 10.94 22.80 -24.36
CA LEU A 306 9.79 22.09 -23.81
C LEU A 306 8.54 22.96 -23.77
N ARG B 12 -1.02 -9.95 34.04
CA ARG B 12 -1.38 -9.74 32.61
C ARG B 12 -2.88 -9.92 32.42
N ALA B 13 -3.63 -9.87 33.52
CA ALA B 13 -5.07 -10.02 33.44
C ALA B 13 -5.71 -8.93 32.59
N ALA B 14 -5.09 -7.75 32.60
CA ALA B 14 -5.62 -6.62 31.83
C ALA B 14 -5.37 -6.76 30.33
N THR B 15 -4.50 -7.70 29.94
CA THR B 15 -4.20 -7.91 28.53
C THR B 15 -4.49 -9.34 28.06
N ALA B 16 -5.53 -9.94 28.62
CA ALA B 16 -5.93 -11.31 28.26
C ALA B 16 -4.78 -12.29 28.42
N GLY B 17 -3.90 -12.02 29.39
CA GLY B 17 -2.77 -12.89 29.66
C GLY B 17 -1.62 -12.75 28.69
N VAL B 18 -1.73 -11.81 27.75
CA VAL B 18 -0.68 -11.61 26.76
C VAL B 18 0.38 -10.62 27.23
N ARG B 19 1.65 -11.01 27.10
CA ARG B 19 2.75 -10.14 27.51
C ARG B 19 2.97 -9.07 26.46
N ILE B 20 2.92 -7.82 26.86
CA ILE B 20 3.10 -6.71 25.94
C ILE B 20 4.52 -6.15 25.99
N SER B 21 5.28 -6.31 24.91
CA SER B 21 6.64 -5.79 24.85
C SER B 21 6.57 -4.30 24.54
N HIS B 22 7.58 -3.54 24.98
CA HIS B 22 7.61 -2.09 24.76
C HIS B 22 6.22 -1.49 24.98
N PRO B 23 5.61 -1.75 26.15
CA PRO B 23 4.28 -1.24 26.48
C PRO B 23 4.12 0.27 26.42
N GLN B 24 5.19 1.01 26.71
CA GLN B 24 5.13 2.47 26.70
C GLN B 24 5.34 3.15 25.36
N ARG B 25 5.70 2.40 24.30
CA ARG B 25 5.88 3.09 23.03
C ARG B 25 4.54 3.66 22.60
N LEU B 26 4.56 4.83 21.99
CA LEU B 26 3.32 5.49 21.61
C LEU B 26 2.72 5.07 20.28
N ILE B 27 1.44 4.72 20.31
CA ILE B 27 0.74 4.36 19.09
C ILE B 27 0.32 5.69 18.46
N ASP B 28 -0.13 6.63 19.31
CA ASP B 28 -0.57 7.95 18.86
C ASP B 28 -0.06 9.03 19.83
N PRO B 29 1.05 9.71 19.48
CA PRO B 29 1.62 10.76 20.31
C PRO B 29 0.69 11.95 20.57
N SER B 30 -0.19 12.25 19.61
CA SER B 30 -1.10 13.39 19.77
C SER B 30 -2.02 13.28 20.98
N ILE B 31 -2.30 12.07 21.44
CA ILE B 31 -3.15 11.89 22.61
C ILE B 31 -2.44 11.04 23.67
N GLN B 32 -1.14 10.81 23.47
CA GLN B 32 -0.36 10.03 24.40
C GLN B 32 -0.94 8.64 24.68
N ALA B 33 -1.32 7.96 23.61
CA ALA B 33 -1.88 6.61 23.70
C ALA B 33 -0.76 5.61 23.46
N SER B 34 -0.47 4.80 24.47
CA SER B 34 0.60 3.79 24.40
C SER B 34 0.11 2.49 23.81
N LYS B 35 1.06 1.63 23.47
CA LYS B 35 0.76 0.30 22.94
C LYS B 35 0.00 -0.49 24.01
N LEU B 36 0.41 -0.36 25.26
CA LEU B 36 -0.25 -1.09 26.35
C LEU B 36 -1.72 -0.66 26.45
N GLU B 37 -1.99 0.64 26.35
CA GLU B 37 -3.37 1.11 26.41
C GLU B 37 -4.19 0.49 25.29
N LEU B 38 -3.61 0.44 24.09
CA LEU B 38 -4.31 -0.15 22.94
C LEU B 38 -4.56 -1.62 23.22
N ALA B 39 -3.58 -2.29 23.83
CA ALA B 39 -3.71 -3.70 24.16
C ALA B 39 -4.84 -3.94 25.16
N GLU B 40 -4.89 -3.13 26.22
CA GLU B 40 -5.91 -3.30 27.24
C GLU B 40 -7.31 -3.02 26.69
N PHE B 41 -7.40 -2.08 25.76
CA PHE B 41 -8.65 -1.73 25.12
C PHE B 41 -9.20 -2.97 24.42
N HIS B 42 -8.35 -3.65 23.65
CA HIS B 42 -8.80 -4.84 22.94
C HIS B 42 -9.20 -5.98 23.87
N ALA B 43 -8.55 -6.07 25.02
CA ALA B 43 -8.89 -7.11 25.99
C ALA B 43 -10.25 -6.78 26.60
N ARG B 44 -10.43 -5.50 26.96
CA ARG B 44 -11.68 -5.06 27.57
C ARG B 44 -12.88 -5.14 26.64
N TYR B 45 -12.69 -4.83 25.36
CA TYR B 45 -13.80 -4.87 24.42
C TYR B 45 -13.69 -5.95 23.37
N ALA B 46 -12.92 -7.00 23.66
CA ALA B 46 -12.76 -8.08 22.70
C ALA B 46 -14.11 -8.61 22.21
N ASP B 47 -15.08 -8.73 23.11
CA ASP B 47 -16.40 -9.25 22.73
C ASP B 47 -17.07 -8.43 21.63
N LEU B 48 -16.88 -7.12 21.66
CA LEU B 48 -17.47 -6.26 20.64
C LEU B 48 -16.85 -6.50 19.27
N LEU B 49 -15.53 -6.55 19.19
CA LEU B 49 -14.88 -6.80 17.89
C LEU B 49 -15.17 -8.21 17.42
N LEU B 50 -15.19 -9.17 18.34
CA LEU B 50 -15.46 -10.56 17.98
C LEU B 50 -16.85 -10.78 17.39
N ARG B 51 -17.76 -9.84 17.61
CA ARG B 51 -19.10 -9.99 17.04
C ARG B 51 -18.96 -10.11 15.52
N ASP B 52 -17.97 -9.42 14.97
CA ASP B 52 -17.71 -9.43 13.53
C ASP B 52 -16.57 -10.36 13.12
N LEU B 53 -15.51 -10.40 13.92
CA LEU B 53 -14.32 -11.20 13.61
C LEU B 53 -14.38 -12.71 13.81
N ARG B 54 -15.07 -13.15 14.85
CA ARG B 54 -15.16 -14.58 15.22
C ARG B 54 -15.28 -15.60 14.09
N GLU B 55 -16.09 -15.32 13.09
CA GLU B 55 -16.28 -16.27 11.99
C GLU B 55 -15.90 -15.75 10.59
N ARG B 56 -15.04 -14.74 10.54
CA ARG B 56 -14.64 -14.18 9.25
C ARG B 56 -13.13 -14.10 9.10
N PRO B 57 -12.63 -14.21 7.86
CA PRO B 57 -11.19 -14.11 7.64
C PRO B 57 -10.89 -12.65 7.97
N VAL B 58 -9.71 -12.37 8.53
CA VAL B 58 -9.38 -11.00 8.90
C VAL B 58 -8.04 -10.55 8.34
N SER B 59 -8.00 -9.29 7.89
CA SER B 59 -6.78 -8.68 7.39
C SER B 59 -6.34 -7.74 8.50
N LEU B 60 -5.04 -7.66 8.72
CA LEU B 60 -4.50 -6.84 9.79
C LEU B 60 -3.81 -5.60 9.24
N VAL B 61 -3.98 -4.48 9.95
CA VAL B 61 -3.33 -3.24 9.59
C VAL B 61 -2.36 -3.01 10.74
N ARG B 62 -1.09 -3.33 10.51
CA ARG B 62 -0.05 -3.22 11.53
C ARG B 62 0.79 -1.96 11.39
N GLY B 63 1.09 -1.34 12.52
CA GLY B 63 1.90 -0.13 12.52
C GLY B 63 2.97 -0.33 13.57
N PRO B 64 4.14 -0.86 13.19
CA PRO B 64 5.22 -1.10 14.14
C PRO B 64 5.80 0.14 14.83
N ASP B 65 5.62 1.30 14.21
CA ASP B 65 6.12 2.55 14.74
C ASP B 65 4.99 3.52 15.09
N GLY B 66 3.78 2.99 15.23
CA GLY B 66 2.66 3.86 15.55
C GLY B 66 2.09 4.49 14.29
N ILE B 67 1.10 5.37 14.45
CA ILE B 67 0.47 6.00 13.29
C ILE B 67 1.35 6.99 12.55
N GLY B 68 2.47 7.36 13.17
CA GLY B 68 3.40 8.29 12.56
C GLY B 68 4.33 7.57 11.60
N GLY B 69 4.33 6.24 11.67
CA GLY B 69 5.16 5.45 10.77
C GLY B 69 4.30 4.90 9.65
N GLU B 70 4.76 3.84 8.99
CA GLU B 70 3.98 3.27 7.90
C GLU B 70 3.14 2.08 8.36
N LEU B 71 2.16 1.72 7.55
CA LEU B 71 1.28 0.61 7.88
C LEU B 71 1.42 -0.56 6.92
N PHE B 72 1.43 -1.76 7.49
CA PHE B 72 1.54 -3.00 6.74
C PHE B 72 0.16 -3.64 6.75
N PHE B 73 -0.40 -3.84 5.54
CA PHE B 73 -1.72 -4.46 5.36
C PHE B 73 -1.47 -5.93 5.09
N GLN B 74 -1.64 -6.76 6.11
CA GLN B 74 -1.39 -8.19 6.01
C GLN B 74 -2.61 -9.09 5.88
N LYS B 75 -2.58 -9.96 4.89
CA LYS B 75 -3.67 -10.91 4.64
C LYS B 75 -3.29 -12.33 5.04
N HIS B 76 -2.04 -12.69 4.80
CA HIS B 76 -1.54 -14.04 5.09
C HIS B 76 -0.30 -14.05 6.00
N ALA B 77 -0.10 -15.16 6.71
CA ALA B 77 1.07 -15.30 7.57
C ALA B 77 1.47 -16.76 7.66
N ALA B 78 2.76 -17.05 7.41
CA ALA B 78 3.26 -18.41 7.47
C ALA B 78 3.56 -18.84 8.90
N ARG B 79 4.18 -17.95 9.66
CA ARG B 79 4.53 -18.23 11.06
C ARG B 79 3.94 -17.16 11.95
N LEU B 80 3.59 -17.54 13.16
CA LEU B 80 3.02 -16.58 14.10
C LEU B 80 3.58 -16.74 15.50
N LYS B 81 3.61 -15.62 16.22
CA LYS B 81 4.08 -15.62 17.60
C LYS B 81 2.88 -15.11 18.40
N ILE B 82 1.71 -15.23 17.77
CA ILE B 82 0.44 -14.80 18.35
C ILE B 82 -0.46 -15.99 18.66
N PRO B 83 -0.20 -16.66 19.79
CA PRO B 83 -0.99 -17.83 20.21
C PRO B 83 -2.48 -17.55 20.17
N GLY B 84 -3.23 -18.49 19.63
CA GLY B 84 -4.67 -18.32 19.54
C GLY B 84 -5.14 -17.99 18.14
N ILE B 85 -4.33 -17.26 17.38
CA ILE B 85 -4.74 -16.90 16.02
C ILE B 85 -4.79 -18.13 15.13
N VAL B 86 -5.90 -18.28 14.41
CA VAL B 86 -6.11 -19.43 13.54
C VAL B 86 -5.58 -19.24 12.13
N GLN B 87 -4.76 -20.17 11.67
CA GLN B 87 -4.25 -20.11 10.31
C GLN B 87 -5.20 -20.97 9.49
N LEU B 88 -5.84 -20.35 8.51
CA LEU B 88 -6.81 -21.07 7.68
C LEU B 88 -6.15 -21.97 6.64
N ASP B 89 -6.92 -22.92 6.14
CA ASP B 89 -6.40 -23.87 5.14
C ASP B 89 -5.92 -23.13 3.89
N PRO B 90 -4.67 -23.38 3.49
CA PRO B 90 -4.09 -22.73 2.31
C PRO B 90 -4.93 -22.93 1.05
N ALA B 91 -5.68 -24.03 1.00
CA ALA B 91 -6.50 -24.33 -0.17
C ALA B 91 -7.55 -23.24 -0.41
N LEU B 92 -7.75 -22.39 0.59
CA LEU B 92 -8.73 -21.29 0.48
C LEU B 92 -8.13 -20.09 -0.26
N ASP B 93 -6.84 -20.14 -0.55
CA ASP B 93 -6.16 -19.06 -1.26
C ASP B 93 -4.81 -19.62 -1.75
N PRO B 94 -4.85 -20.52 -2.75
CA PRO B 94 -3.63 -21.13 -3.29
C PRO B 94 -2.56 -20.15 -3.72
N GLY B 95 -1.31 -20.49 -3.44
CA GLY B 95 -0.19 -19.66 -3.81
C GLY B 95 0.18 -18.61 -2.78
N HIS B 96 -0.46 -18.67 -1.62
CA HIS B 96 -0.17 -17.72 -0.55
C HIS B 96 -0.11 -18.44 0.79
N PRO B 97 0.53 -17.83 1.80
CA PRO B 97 0.58 -18.49 3.11
C PRO B 97 -0.86 -18.49 3.59
N PRO B 98 -1.14 -19.16 4.72
CA PRO B 98 -2.50 -19.23 5.27
C PRO B 98 -3.18 -17.89 5.58
N LEU B 99 -4.48 -17.81 5.32
CA LEU B 99 -5.26 -16.61 5.65
C LEU B 99 -5.35 -16.66 7.17
N LEU B 100 -5.92 -15.61 7.77
CA LEU B 100 -6.02 -15.52 9.22
C LEU B 100 -7.43 -15.33 9.79
N GLN B 101 -7.63 -15.84 10.99
CA GLN B 101 -8.91 -15.72 11.68
C GLN B 101 -8.68 -15.54 13.18
N ILE B 102 -9.29 -14.52 13.74
CA ILE B 102 -9.18 -14.20 15.17
C ILE B 102 -10.51 -14.50 15.85
N ARG B 103 -10.51 -15.44 16.79
CA ARG B 103 -11.72 -15.88 17.45
C ARG B 103 -11.72 -15.79 18.97
N SER B 104 -10.72 -15.13 19.54
CA SER B 104 -10.62 -15.02 20.99
C SER B 104 -9.94 -13.73 21.40
N ALA B 105 -10.14 -13.35 22.66
CA ALA B 105 -9.53 -12.15 23.19
C ALA B 105 -8.01 -12.31 23.17
N GLU B 106 -7.54 -13.52 23.49
CA GLU B 106 -6.11 -13.81 23.50
C GLU B 106 -5.51 -13.57 22.12
N ALA B 107 -6.18 -14.04 21.08
CA ALA B 107 -5.67 -13.86 19.72
C ALA B 107 -5.75 -12.38 19.34
N LEU B 108 -6.84 -11.73 19.72
CA LEU B 108 -7.01 -10.31 19.40
C LEU B 108 -5.90 -9.47 20.01
N VAL B 109 -5.67 -9.61 21.30
CA VAL B 109 -4.62 -8.86 22.00
C VAL B 109 -3.24 -9.27 21.49
N GLY B 110 -3.10 -10.55 21.15
CA GLY B 110 -1.84 -11.03 20.62
C GLY B 110 -1.53 -10.30 19.32
N ALA B 111 -2.55 -10.09 18.50
CA ALA B 111 -2.36 -9.38 17.23
C ALA B 111 -1.84 -7.96 17.51
N VAL B 112 -2.40 -7.30 18.53
CA VAL B 112 -1.97 -5.96 18.92
C VAL B 112 -0.52 -6.00 19.40
N GLN B 113 -0.19 -7.01 20.20
CA GLN B 113 1.17 -7.18 20.70
C GLN B 113 2.12 -7.20 19.51
N MET B 114 1.65 -7.72 18.39
CA MET B 114 2.50 -7.78 17.21
C MET B 114 2.38 -6.58 16.27
N GLY B 115 1.86 -5.47 16.78
CA GLY B 115 1.74 -4.27 15.97
C GLY B 115 0.41 -3.97 15.32
N SER B 116 -0.56 -4.87 15.44
CA SER B 116 -1.87 -4.60 14.82
C SER B 116 -2.60 -3.43 15.49
N ILE B 117 -3.18 -2.57 14.65
CA ILE B 117 -3.91 -1.42 15.14
C ILE B 117 -5.37 -1.52 14.64
N GLU B 118 -5.54 -1.91 13.38
CA GLU B 118 -6.86 -2.05 12.78
C GLU B 118 -7.14 -3.49 12.30
N PHE B 119 -8.40 -3.89 12.35
CA PHE B 119 -8.84 -5.22 11.89
C PHE B 119 -9.93 -5.05 10.84
N HIS B 120 -9.72 -5.63 9.67
CA HIS B 120 -10.67 -5.55 8.56
C HIS B 120 -11.14 -6.95 8.19
N THR B 121 -12.45 -7.13 8.03
CA THR B 121 -12.98 -8.45 7.71
C THR B 121 -13.58 -8.59 6.31
N TRP B 122 -13.65 -9.83 5.84
CA TRP B 122 -14.23 -10.18 4.54
C TRP B 122 -15.74 -10.09 4.61
N ASN B 123 -16.37 -10.03 3.44
CA ASN B 123 -17.83 -9.99 3.35
C ASN B 123 -18.37 -11.41 3.24
N ALA B 124 -17.67 -12.34 3.88
CA ALA B 124 -18.04 -13.75 3.90
C ALA B 124 -17.57 -14.39 5.20
N SER B 125 -18.26 -15.45 5.60
CA SER B 125 -17.91 -16.15 6.81
C SER B 125 -17.38 -17.54 6.45
N LEU B 126 -16.68 -18.17 7.40
CA LEU B 126 -16.10 -19.49 7.18
C LEU B 126 -17.08 -20.58 6.77
N ALA B 127 -18.38 -20.30 6.93
CA ALA B 127 -19.39 -21.27 6.55
C ALA B 127 -19.27 -21.54 5.06
N ASN B 128 -18.92 -20.49 4.31
CA ASN B 128 -18.73 -20.58 2.86
C ASN B 128 -18.05 -19.31 2.36
N LEU B 129 -16.77 -19.39 2.02
CA LEU B 129 -16.05 -18.22 1.54
C LEU B 129 -16.24 -17.99 0.05
N GLU B 130 -17.04 -18.84 -0.60
CA GLU B 130 -17.28 -18.68 -2.03
C GLU B 130 -18.62 -17.99 -2.30
N ARG B 131 -19.29 -17.60 -1.23
CA ARG B 131 -20.58 -16.91 -1.31
C ARG B 131 -20.65 -15.88 -0.19
N PRO B 132 -20.52 -14.60 -0.54
CA PRO B 132 -20.57 -13.54 0.47
C PRO B 132 -21.88 -13.48 1.23
N ASP B 133 -21.83 -13.13 2.51
CA ASP B 133 -23.04 -13.02 3.31
C ASP B 133 -23.42 -11.58 3.56
N ARG B 134 -22.91 -10.68 2.72
CA ARG B 134 -23.22 -9.26 2.79
C ARG B 134 -22.42 -8.46 1.78
N PHE B 135 -22.85 -7.25 1.51
CA PHE B 135 -22.07 -6.39 0.63
C PHE B 135 -21.96 -5.10 1.41
N VAL B 136 -21.00 -4.27 1.04
CA VAL B 136 -20.82 -3.02 1.75
C VAL B 136 -20.86 -1.83 0.81
N LEU B 137 -21.49 -0.76 1.27
CA LEU B 137 -21.57 0.48 0.51
C LEU B 137 -20.75 1.45 1.36
N ASP B 138 -19.61 1.87 0.83
CA ASP B 138 -18.73 2.80 1.54
C ASP B 138 -18.80 4.18 0.91
N LEU B 139 -19.32 5.16 1.64
CA LEU B 139 -19.44 6.51 1.11
C LEU B 139 -18.17 7.33 1.35
N ASP B 140 -17.50 7.66 0.25
CA ASP B 140 -16.27 8.46 0.27
C ASP B 140 -16.55 9.86 -0.26
N PRO B 141 -16.48 10.86 0.62
CA PRO B 141 -16.73 12.25 0.23
C PRO B 141 -15.47 13.02 -0.10
N ASP B 142 -15.67 14.18 -0.74
CA ASP B 142 -14.58 15.07 -1.06
C ASP B 142 -14.19 15.63 0.30
N PRO B 143 -12.90 15.61 0.65
CA PRO B 143 -12.43 16.12 1.95
C PRO B 143 -12.87 17.54 2.29
N ALA B 144 -13.40 18.26 1.30
CA ALA B 144 -13.85 19.64 1.53
C ALA B 144 -15.37 19.70 1.65
N LEU B 145 -16.02 18.58 1.37
CA LEU B 145 -17.48 18.53 1.42
C LEU B 145 -17.99 18.63 2.87
N PRO B 146 -18.96 19.52 3.11
CA PRO B 146 -19.54 19.68 4.45
C PRO B 146 -20.07 18.37 4.99
N TRP B 147 -19.99 18.19 6.31
CA TRP B 147 -20.47 16.97 6.93
C TRP B 147 -21.96 16.74 6.66
N LYS B 148 -22.74 17.81 6.68
CA LYS B 148 -24.18 17.67 6.44
C LYS B 148 -24.44 16.96 5.12
N ARG B 149 -23.49 17.06 4.20
CA ARG B 149 -23.60 16.40 2.90
C ARG B 149 -23.62 14.89 3.08
N MET B 150 -22.70 14.40 3.89
CA MET B 150 -22.56 12.96 4.17
C MET B 150 -23.82 12.44 4.86
N LEU B 151 -24.39 13.23 5.76
CA LEU B 151 -25.61 12.80 6.45
C LEU B 151 -26.76 12.68 5.48
N GLU B 152 -26.92 13.68 4.62
CA GLU B 152 -27.99 13.66 3.64
C GLU B 152 -27.82 12.52 2.65
N ALA B 153 -26.58 12.28 2.22
CA ALA B 153 -26.31 11.22 1.27
C ALA B 153 -26.60 9.86 1.88
N THR B 154 -26.28 9.70 3.17
CA THR B 154 -26.52 8.43 3.85
C THR B 154 -28.02 8.19 3.97
N GLN B 155 -28.78 9.24 4.29
CA GLN B 155 -30.23 9.09 4.42
C GLN B 155 -30.82 8.66 3.08
N LEU B 156 -30.40 9.33 2.01
CA LEU B 156 -30.90 9.01 0.68
C LEU B 156 -30.53 7.58 0.27
N SER B 157 -29.32 7.15 0.64
CA SER B 157 -28.87 5.80 0.32
C SER B 157 -29.77 4.80 1.02
N LEU B 158 -30.13 5.08 2.27
CA LEU B 158 -30.99 4.19 3.02
C LEU B 158 -32.39 4.14 2.42
N THR B 159 -32.84 5.28 1.89
CA THR B 159 -34.17 5.35 1.28
C THR B 159 -34.26 4.41 0.07
N LEU B 160 -33.18 4.37 -0.71
CA LEU B 160 -33.14 3.50 -1.88
C LEU B 160 -33.18 2.06 -1.40
N LEU B 161 -32.41 1.76 -0.35
CA LEU B 161 -32.38 0.41 0.18
C LEU B 161 -33.77 0.02 0.69
N ASP B 162 -34.50 0.97 1.26
CA ASP B 162 -35.86 0.68 1.74
C ASP B 162 -36.76 0.34 0.55
N GLU B 163 -36.59 1.08 -0.55
CA GLU B 163 -37.37 0.85 -1.77
C GLU B 163 -37.10 -0.56 -2.29
N LEU B 164 -35.84 -0.98 -2.20
CA LEU B 164 -35.43 -2.29 -2.68
C LEU B 164 -35.88 -3.39 -1.71
N GLY B 165 -36.21 -3.00 -0.49
CA GLY B 165 -36.64 -3.97 0.51
C GLY B 165 -35.46 -4.64 1.19
N LEU B 166 -34.36 -3.92 1.34
CA LEU B 166 -33.17 -4.47 1.98
C LEU B 166 -32.83 -3.74 3.29
N ARG B 167 -32.63 -4.50 4.35
CA ARG B 167 -32.28 -3.94 5.66
C ARG B 167 -30.78 -3.65 5.66
N ALA B 168 -30.38 -2.47 6.14
CA ALA B 168 -28.97 -2.10 6.17
C ALA B 168 -28.54 -1.70 7.58
N PHE B 169 -27.25 -1.85 7.86
CA PHE B 169 -26.72 -1.52 9.17
C PHE B 169 -25.59 -0.51 9.01
N LEU B 170 -25.78 0.64 9.64
CA LEU B 170 -24.85 1.76 9.56
C LEU B 170 -23.79 1.84 10.63
N LYS B 171 -22.63 2.34 10.24
CA LYS B 171 -21.57 2.57 11.22
C LYS B 171 -20.68 3.68 10.70
N THR B 172 -20.08 4.44 11.60
CA THR B 172 -19.17 5.47 11.17
C THR B 172 -17.94 4.66 10.77
N SER B 173 -17.13 5.20 9.87
CA SER B 173 -15.91 4.49 9.44
C SER B 173 -14.78 4.78 10.41
N GLY B 174 -14.91 5.89 11.11
CA GLY B 174 -13.86 6.31 12.03
C GLY B 174 -12.97 7.26 11.26
N GLY B 175 -13.24 7.39 9.97
CA GLY B 175 -12.44 8.26 9.11
C GLY B 175 -13.19 9.50 8.66
N LYS B 176 -13.66 9.50 7.41
CA LYS B 176 -14.36 10.64 6.86
C LYS B 176 -15.76 10.32 6.37
N GLY B 177 -16.13 9.04 6.39
CA GLY B 177 -17.44 8.68 5.90
C GLY B 177 -18.24 7.67 6.69
N MET B 178 -19.28 7.17 6.01
CA MET B 178 -20.17 6.21 6.63
C MET B 178 -20.17 4.87 5.88
N HIS B 179 -20.38 3.78 6.62
CA HIS B 179 -20.41 2.46 6.04
C HIS B 179 -21.78 1.80 6.20
N LEU B 180 -22.27 1.24 5.11
CA LEU B 180 -23.54 0.54 5.10
C LEU B 180 -23.30 -0.94 4.82
N LEU B 181 -23.69 -1.79 5.76
CA LEU B 181 -23.55 -3.24 5.62
C LEU B 181 -24.92 -3.83 5.38
N VAL B 182 -25.06 -4.58 4.29
CA VAL B 182 -26.32 -5.21 3.93
C VAL B 182 -26.15 -6.72 3.89
N PRO B 183 -26.71 -7.41 4.89
CA PRO B 183 -26.62 -8.87 4.96
C PRO B 183 -27.29 -9.53 3.76
N LEU B 184 -26.84 -10.72 3.41
CA LEU B 184 -27.40 -11.47 2.30
C LEU B 184 -27.26 -12.97 2.55
N GLU B 185 -28.30 -13.72 2.20
CA GLU B 185 -28.27 -15.16 2.34
C GLU B 185 -27.19 -15.61 1.37
N ARG B 186 -26.50 -16.70 1.70
CA ARG B 186 -25.42 -17.23 0.86
C ARG B 186 -26.00 -17.99 -0.34
N ARG B 187 -26.48 -17.23 -1.32
CA ARG B 187 -27.09 -17.83 -2.51
C ARG B 187 -26.53 -17.22 -3.77
N HIS B 188 -25.60 -16.28 -3.62
CA HIS B 188 -25.01 -15.59 -4.76
C HIS B 188 -23.50 -15.75 -4.79
N GLY B 189 -22.91 -15.58 -5.96
CA GLY B 189 -21.48 -15.66 -6.08
C GLY B 189 -20.92 -14.27 -5.81
N TRP B 190 -19.60 -14.13 -5.77
CA TRP B 190 -18.99 -12.82 -5.51
C TRP B 190 -19.27 -11.76 -6.57
N ASP B 191 -19.04 -12.09 -7.85
CA ASP B 191 -19.26 -11.11 -8.92
C ASP B 191 -20.71 -10.65 -8.96
N GLU B 192 -21.63 -11.58 -8.72
CA GLU B 192 -23.06 -11.29 -8.73
C GLU B 192 -23.38 -10.23 -7.68
N VAL B 193 -22.85 -10.39 -6.49
CA VAL B 193 -23.08 -9.43 -5.42
C VAL B 193 -22.38 -8.11 -5.72
N LYS B 194 -21.16 -8.19 -6.25
CA LYS B 194 -20.42 -6.98 -6.57
C LYS B 194 -21.17 -6.18 -7.64
N ASP B 195 -21.71 -6.87 -8.64
CA ASP B 195 -22.44 -6.19 -9.71
C ASP B 195 -23.67 -5.48 -9.16
N PHE B 196 -24.35 -6.13 -8.22
CA PHE B 196 -25.54 -5.58 -7.59
C PHE B 196 -25.18 -4.31 -6.83
N ALA B 197 -24.08 -4.38 -6.06
CA ALA B 197 -23.61 -3.23 -5.29
C ALA B 197 -23.24 -2.09 -6.24
N GLN B 198 -22.63 -2.44 -7.37
CA GLN B 198 -22.26 -1.43 -8.36
C GLN B 198 -23.52 -0.80 -8.98
N ALA B 199 -24.55 -1.62 -9.17
CA ALA B 199 -25.80 -1.13 -9.76
C ALA B 199 -26.43 -0.10 -8.83
N ILE B 200 -26.26 -0.29 -7.52
CA ILE B 200 -26.81 0.63 -6.54
C ILE B 200 -26.06 1.96 -6.62
N SER B 201 -24.73 1.89 -6.67
CA SER B 201 -23.92 3.08 -6.77
C SER B 201 -24.27 3.87 -8.03
N GLN B 202 -24.40 3.18 -9.16
CA GLN B 202 -24.72 3.83 -10.42
C GLN B 202 -26.13 4.41 -10.43
N HIS B 203 -27.06 3.75 -9.75
CA HIS B 203 -28.44 4.19 -9.68
C HIS B 203 -28.49 5.52 -8.92
N LEU B 204 -27.79 5.57 -7.80
CA LEU B 204 -27.75 6.78 -7.00
C LEU B 204 -27.09 7.92 -7.78
N ALA B 205 -26.01 7.62 -8.48
CA ALA B 205 -25.30 8.64 -9.26
C ALA B 205 -26.13 9.14 -10.44
N ARG B 206 -26.89 8.23 -11.04
CA ARG B 206 -27.73 8.61 -12.17
C ARG B 206 -28.90 9.51 -11.73
N LEU B 207 -29.49 9.20 -10.58
CA LEU B 207 -30.62 10.01 -10.09
C LEU B 207 -30.19 11.33 -9.44
N MET B 208 -29.05 11.31 -8.76
CA MET B 208 -28.56 12.50 -8.05
C MET B 208 -27.08 12.73 -8.33
N PRO B 209 -26.74 13.07 -9.58
CA PRO B 209 -25.33 13.30 -9.95
C PRO B 209 -24.63 14.39 -9.15
N GLU B 210 -25.36 15.40 -8.68
CA GLU B 210 -24.72 16.47 -7.93
C GLU B 210 -24.28 16.00 -6.54
N ARG B 211 -24.87 14.90 -6.08
CA ARG B 211 -24.54 14.35 -4.76
C ARG B 211 -23.68 13.10 -4.82
N PHE B 212 -23.95 12.24 -5.80
CA PHE B 212 -23.26 10.97 -5.95
C PHE B 212 -22.44 10.74 -7.21
N SER B 213 -21.44 9.88 -7.09
CA SER B 213 -20.58 9.49 -8.20
C SER B 213 -20.44 7.96 -8.11
N ALA B 214 -20.38 7.29 -9.26
CA ALA B 214 -20.24 5.84 -9.24
C ALA B 214 -18.86 5.42 -9.77
N VAL B 215 -17.99 6.41 -9.97
CA VAL B 215 -16.64 6.18 -10.48
C VAL B 215 -15.59 6.47 -9.40
N SER B 216 -14.69 5.51 -9.20
CA SER B 216 -13.63 5.65 -8.19
C SER B 216 -12.63 6.74 -8.53
N GLY B 217 -11.86 7.16 -7.52
CA GLY B 217 -10.86 8.19 -7.74
C GLY B 217 -11.34 9.55 -7.30
N PRO B 218 -10.54 10.26 -6.48
CA PRO B 218 -10.95 11.60 -6.02
C PRO B 218 -11.23 12.55 -7.17
N ARG B 219 -10.60 12.30 -8.32
CA ARG B 219 -10.80 13.15 -9.49
C ARG B 219 -12.18 12.92 -10.10
N ASN B 220 -12.89 11.92 -9.59
CA ASN B 220 -14.23 11.62 -10.09
C ASN B 220 -15.31 11.87 -9.05
N ARG B 221 -14.98 12.58 -7.97
CA ARG B 221 -15.95 12.90 -6.94
C ARG B 221 -15.75 14.29 -6.36
N VAL B 222 -15.22 15.20 -7.18
CA VAL B 222 -14.99 16.57 -6.72
C VAL B 222 -16.31 17.22 -6.30
N GLY B 223 -16.39 17.63 -5.04
CA GLY B 223 -17.59 18.26 -4.53
C GLY B 223 -18.74 17.31 -4.31
N LYS B 224 -18.47 16.01 -4.33
CA LYS B 224 -19.53 15.04 -4.14
C LYS B 224 -19.08 13.79 -3.36
N ILE B 225 -19.89 12.75 -3.41
CA ILE B 225 -19.59 11.51 -2.69
C ILE B 225 -19.58 10.30 -3.59
N PHE B 226 -18.57 9.46 -3.45
CA PHE B 226 -18.46 8.25 -4.22
C PHE B 226 -18.99 7.08 -3.40
N VAL B 227 -19.98 6.36 -3.93
CA VAL B 227 -20.53 5.21 -3.24
C VAL B 227 -19.63 4.05 -3.66
N ASP B 228 -18.62 3.78 -2.83
CA ASP B 228 -17.65 2.73 -3.12
C ASP B 228 -18.22 1.33 -3.00
N TYR B 229 -18.18 0.58 -4.09
CA TYR B 229 -18.68 -0.78 -4.14
C TYR B 229 -17.53 -1.76 -4.39
N LEU B 230 -16.31 -1.22 -4.52
CA LEU B 230 -15.12 -2.03 -4.79
C LEU B 230 -14.68 -3.02 -3.72
N ARG B 231 -15.07 -2.79 -2.47
CA ARG B 231 -14.69 -3.68 -1.38
C ARG B 231 -15.48 -4.98 -1.39
N ASN B 232 -16.34 -5.15 -2.38
CA ASN B 232 -17.17 -6.34 -2.45
C ASN B 232 -16.64 -7.42 -3.37
N SER B 233 -15.46 -7.93 -3.07
CA SER B 233 -14.86 -8.99 -3.86
C SER B 233 -14.13 -9.92 -2.90
N ARG B 234 -13.95 -11.17 -3.31
CA ARG B 234 -13.29 -12.14 -2.44
C ARG B 234 -11.89 -11.67 -2.06
N GLY B 235 -11.57 -11.73 -0.77
CA GLY B 235 -10.25 -11.31 -0.33
C GLY B 235 -10.18 -9.86 0.11
N ALA B 236 -11.14 -9.06 -0.34
CA ALA B 236 -11.17 -7.66 0.04
C ALA B 236 -11.81 -7.58 1.43
N SER B 237 -11.73 -6.42 2.06
CA SER B 237 -12.27 -6.28 3.39
C SER B 237 -12.61 -4.84 3.75
N THR B 238 -13.33 -4.69 4.85
CA THR B 238 -13.72 -3.37 5.36
C THR B 238 -13.43 -3.40 6.85
N VAL B 239 -13.01 -2.26 7.40
CA VAL B 239 -12.71 -2.17 8.82
C VAL B 239 -13.89 -2.71 9.61
N ALA B 240 -13.60 -3.52 10.62
CA ALA B 240 -14.64 -4.13 11.44
C ALA B 240 -15.28 -3.16 12.40
N ALA B 241 -16.55 -3.39 12.72
CA ALA B 241 -17.23 -2.52 13.68
C ALA B 241 -16.47 -2.64 15.00
N TYR B 242 -16.31 -1.50 15.66
CA TYR B 242 -15.62 -1.35 16.95
C TYR B 242 -14.10 -1.42 16.89
N SER B 243 -13.56 -1.47 15.67
CA SER B 243 -12.12 -1.50 15.57
C SER B 243 -11.58 -0.07 15.53
N VAL B 244 -10.36 0.10 16.01
CA VAL B 244 -9.69 1.39 16.05
C VAL B 244 -9.06 1.65 14.69
N ARG B 245 -8.94 2.93 14.34
CA ARG B 245 -8.31 3.36 13.07
C ARG B 245 -6.94 3.96 13.41
N ALA B 246 -5.94 3.69 12.56
CA ALA B 246 -4.59 4.21 12.77
C ALA B 246 -4.52 5.67 12.28
N ARG B 247 -5.26 6.52 12.97
CA ARG B 247 -5.35 7.95 12.65
C ARG B 247 -5.34 8.78 13.92
N GLU B 248 -5.08 10.07 13.80
CA GLU B 248 -5.02 10.96 14.96
C GLU B 248 -6.25 10.80 15.84
N GLY B 249 -6.02 10.65 17.15
CA GLY B 249 -7.12 10.50 18.08
C GLY B 249 -7.58 9.06 18.25
N LEU B 250 -7.06 8.17 17.40
CA LEU B 250 -7.44 6.76 17.43
C LEU B 250 -8.95 6.60 17.44
N PRO B 251 -9.62 7.12 16.40
CA PRO B 251 -11.08 7.02 16.30
C PRO B 251 -11.49 5.57 16.10
N VAL B 252 -12.74 5.26 16.39
CA VAL B 252 -13.25 3.90 16.25
C VAL B 252 -14.43 3.86 15.28
N SER B 253 -14.56 2.75 14.55
CA SER B 253 -15.68 2.57 13.63
C SER B 253 -16.85 2.14 14.50
N VAL B 254 -17.86 3.00 14.62
CA VAL B 254 -18.99 2.71 15.52
C VAL B 254 -20.37 2.52 14.89
N PRO B 255 -21.03 1.40 15.25
CA PRO B 255 -22.38 1.11 14.73
C PRO B 255 -23.35 2.15 15.30
N VAL B 256 -24.23 2.66 14.46
CA VAL B 256 -25.18 3.66 14.91
C VAL B 256 -26.59 3.34 14.44
N PHE B 257 -27.57 3.79 15.24
CA PHE B 257 -28.96 3.61 14.92
C PHE B 257 -29.31 4.59 13.80
N ARG B 258 -30.21 4.19 12.92
CA ARG B 258 -30.61 5.06 11.84
C ARG B 258 -31.23 6.34 12.40
N GLU B 259 -31.84 6.22 13.58
CA GLU B 259 -32.50 7.36 14.22
C GLU B 259 -31.55 8.43 14.77
N GLU B 260 -30.28 8.09 14.97
CA GLU B 260 -29.33 9.07 15.50
C GLU B 260 -28.41 9.61 14.42
N LEU B 261 -28.63 9.18 13.18
CA LEU B 261 -27.82 9.62 12.07
C LEU B 261 -27.73 11.15 11.93
N ASP B 262 -28.86 11.84 11.93
CA ASP B 262 -28.83 13.29 11.77
C ASP B 262 -28.19 14.02 12.95
N SER B 263 -27.92 13.32 14.04
CA SER B 263 -27.30 13.96 15.19
C SER B 263 -25.78 13.79 15.19
N LEU B 264 -25.28 12.90 14.33
CA LEU B 264 -23.83 12.68 14.25
C LEU B 264 -23.12 13.92 13.77
N GLN B 265 -21.94 14.19 14.31
CA GLN B 265 -21.18 15.35 13.93
C GLN B 265 -19.95 15.06 13.07
N GLY B 266 -19.51 13.81 13.07
CA GLY B 266 -18.35 13.43 12.28
C GLY B 266 -18.15 11.92 12.26
N ALA B 267 -17.40 11.42 11.28
CA ALA B 267 -17.16 9.99 11.16
C ALA B 267 -16.18 9.51 12.22
N ASN B 268 -15.43 10.45 12.80
CA ASN B 268 -14.46 10.12 13.83
C ASN B 268 -14.89 10.64 15.20
N GLN B 269 -16.18 10.92 15.39
CA GLN B 269 -16.59 11.46 16.68
C GLN B 269 -16.34 10.56 17.89
N TRP B 270 -16.16 9.27 17.66
CA TRP B 270 -15.88 8.37 18.77
C TRP B 270 -14.43 7.88 18.67
N ASN B 271 -13.76 7.77 19.81
CA ASN B 271 -12.39 7.29 19.81
C ASN B 271 -12.18 6.21 20.86
N LEU B 272 -10.95 5.71 20.94
CA LEU B 272 -10.60 4.65 21.88
C LEU B 272 -11.02 4.96 23.31
N ARG B 273 -10.92 6.21 23.72
CA ARG B 273 -11.26 6.55 25.09
C ARG B 273 -12.70 7.00 25.33
N SER B 274 -13.44 7.25 24.26
CA SER B 274 -14.82 7.69 24.40
C SER B 274 -15.81 6.55 24.25
N LEU B 275 -15.32 5.37 23.86
CA LEU B 275 -16.19 4.23 23.69
C LEU B 275 -16.93 3.82 24.97
N PRO B 276 -16.27 3.89 26.14
CA PRO B 276 -16.92 3.52 27.39
C PRO B 276 -18.20 4.32 27.63
N GLN B 277 -18.16 5.61 27.30
CA GLN B 277 -19.30 6.49 27.47
C GLN B 277 -20.41 6.16 26.47
N ARG B 278 -20.02 5.79 25.25
CA ARG B 278 -21.00 5.41 24.23
C ARG B 278 -21.78 4.19 24.74
N LEU B 279 -21.06 3.22 25.30
CA LEU B 279 -21.73 2.02 25.80
C LEU B 279 -22.64 2.35 26.98
N ASP B 280 -22.21 3.29 27.82
CA ASP B 280 -23.02 3.68 28.99
C ASP B 280 -24.31 4.33 28.52
N GLU B 281 -24.20 5.17 27.49
CA GLU B 281 -25.37 5.85 26.95
C GLU B 281 -26.34 4.91 26.23
N LEU B 282 -25.81 3.84 25.65
CA LEU B 282 -26.67 2.86 24.97
C LEU B 282 -27.42 2.02 26.00
N ALA B 283 -26.81 1.86 27.17
CA ALA B 283 -27.40 1.09 28.27
C ALA B 283 -28.09 -0.19 27.82
N GLY B 284 -27.33 -1.07 27.16
CA GLY B 284 -27.88 -2.33 26.71
C GLY B 284 -28.41 -2.35 25.29
N ASP B 285 -28.77 -1.19 24.75
CA ASP B 285 -29.28 -1.12 23.39
C ASP B 285 -28.18 -1.35 22.37
N ASP B 286 -28.47 -2.17 21.36
CA ASP B 286 -27.50 -2.49 20.33
C ASP B 286 -28.01 -2.05 18.96
N PRO B 287 -27.30 -1.10 18.33
CA PRO B 287 -27.66 -0.57 17.00
C PRO B 287 -27.78 -1.67 15.95
N TRP B 288 -26.95 -2.70 16.06
CA TRP B 288 -26.96 -3.79 15.10
C TRP B 288 -27.60 -5.06 15.67
N ALA B 289 -28.49 -4.88 16.65
CA ALA B 289 -29.18 -6.01 17.27
C ALA B 289 -29.84 -6.96 16.26
N ASP B 290 -30.42 -6.40 15.20
CA ASP B 290 -31.12 -7.22 14.21
C ASP B 290 -30.24 -7.79 13.09
N TYR B 291 -28.94 -7.55 13.16
CA TYR B 291 -28.03 -8.05 12.12
C TYR B 291 -28.08 -9.56 11.94
N ALA B 292 -27.69 -10.29 12.99
CA ALA B 292 -27.64 -11.74 12.93
C ALA B 292 -28.90 -12.43 12.42
N GLY B 293 -30.06 -11.92 12.80
CA GLY B 293 -31.32 -12.52 12.39
C GLY B 293 -31.87 -12.10 11.05
N THR B 294 -31.21 -11.15 10.40
CA THR B 294 -31.66 -10.67 9.10
C THR B 294 -31.50 -11.72 8.01
N ARG B 295 -32.59 -12.03 7.31
CA ARG B 295 -32.56 -13.01 6.24
C ARG B 295 -33.14 -12.39 4.98
N GLN B 296 -32.27 -12.05 4.04
CA GLN B 296 -32.69 -11.42 2.80
C GLN B 296 -31.80 -11.83 1.63
N ARG B 297 -32.31 -11.69 0.42
CA ARG B 297 -31.54 -12.04 -0.77
C ARG B 297 -31.87 -11.10 -1.91
N ILE B 298 -31.03 -11.13 -2.94
CA ILE B 298 -31.23 -10.28 -4.11
C ILE B 298 -32.32 -10.91 -4.99
N SER B 299 -33.35 -10.15 -5.32
CA SER B 299 -34.43 -10.67 -6.16
C SER B 299 -34.39 -10.06 -7.54
N ALA B 300 -35.16 -10.64 -8.46
CA ALA B 300 -35.22 -10.14 -9.82
C ALA B 300 -35.85 -8.75 -9.81
N ALA B 301 -36.81 -8.55 -8.90
CA ALA B 301 -37.51 -7.28 -8.78
C ALA B 301 -36.53 -6.16 -8.40
N MET B 302 -35.63 -6.48 -7.48
CA MET B 302 -34.61 -5.52 -7.03
C MET B 302 -33.76 -5.08 -8.21
N ARG B 303 -33.35 -6.04 -9.03
CA ARG B 303 -32.52 -5.70 -10.19
C ARG B 303 -33.27 -4.83 -11.19
N ARG B 304 -34.57 -5.08 -11.32
CA ARG B 304 -35.39 -4.29 -12.24
C ARG B 304 -35.49 -2.85 -11.75
N GLN B 305 -35.54 -2.67 -10.43
CA GLN B 305 -35.64 -1.34 -9.86
C GLN B 305 -34.35 -0.55 -10.11
N LEU B 306 -33.23 -1.26 -10.19
CA LEU B 306 -31.93 -0.62 -10.42
C LEU B 306 -31.62 -0.48 -11.91
#